data_7B8J
#
_entry.id   7B8J
#
_cell.length_a   60.116
_cell.length_b   72.430
_cell.length_c   79.046
_cell.angle_alpha   90.000
_cell.angle_beta   90.000
_cell.angle_gamma   90.000
#
_symmetry.space_group_name_H-M   'P 21 21 21'
#
loop_
_entity.id
_entity.type
_entity.pdbx_description
1 polymer 'Palmitoleoyl-protein carboxylesterase NOTUM'
2 non-polymer 'SULFATE ION'
3 non-polymer 2-acetamido-2-deoxy-beta-D-glucopyranose
4 non-polymer 'biphenyl-4-ylacetic acid'
5 water water
#
_entity_poly.entity_id   1
_entity_poly.type   'polypeptide(L)'
_entity_poly.pdbx_seq_one_letter_code
;ETGSAQQLNEDLRLHLLLNTSVTCNDGSPAGYYLKESRGSRRWLLFLEGGWYCFNRENCDSRYDTMRRLMSSRDWPRTRT
GTGILSSQPEENPYWWNANMVFIPYCSSDVWSGASSKSEKNEYAFMGALIIQEVVRELLGRGLSGAKVLLLAGSSAGGTG
VLLNVDRVAEQLEKLGYPAIQVRGLADSGWFLDNKQYRHTDCVDTITCAPTEAIRRGIRYWNGVVPERCRRQFQEGEEWN
CFFGYKVYPTLRSPVFVVQWLFDEAQLTVDNVHLTGQPVQEGLRLYIQNLGRELRHTLKDVPASFAPACLSHEIIIRSHW
TDVQVKGTSLPRALHCWDRSLHDSHKASKTPLKGCPVHLVDSCPWPHCNPSCPTGTKHHHHHH
;
_entity_poly.pdbx_strand_id   A
#
loop_
_chem_comp.id
_chem_comp.type
_chem_comp.name
_chem_comp.formula
BP4 non-polymer 'biphenyl-4-ylacetic acid' 'C14 H12 O2'
NAG D-saccharide, beta linking 2-acetamido-2-deoxy-beta-D-glucopyranose 'C8 H15 N O6'
SO4 non-polymer 'SULFATE ION' 'O4 S -2'
#
# COMPACT_ATOMS: atom_id res chain seq x y z
N ASP A 11 -3.10 -16.86 -13.67
CA ASP A 11 -3.82 -15.69 -14.20
C ASP A 11 -5.01 -15.29 -13.33
N LEU A 12 -5.09 -14.01 -13.03
CA LEU A 12 -6.25 -13.39 -12.38
C LEU A 12 -7.13 -12.76 -13.45
N ARG A 13 -8.44 -12.93 -13.32
CA ARG A 13 -9.40 -12.52 -14.34
C ARG A 13 -10.09 -11.22 -13.96
N LEU A 14 -10.28 -10.33 -14.94
CA LEU A 14 -10.84 -8.99 -14.68
C LEU A 14 -12.36 -9.03 -14.49
N HIS A 15 -12.83 -8.28 -13.48
CA HIS A 15 -14.24 -7.98 -13.28
C HIS A 15 -14.39 -6.48 -13.09
N LEU A 16 -15.14 -5.82 -13.96
CA LEU A 16 -15.48 -4.42 -13.75
C LEU A 16 -16.61 -4.32 -12.73
N LEU A 17 -16.59 -3.26 -11.94
CA LEU A 17 -17.56 -3.14 -10.86
C LEU A 17 -18.98 -3.06 -11.41
N LEU A 18 -19.89 -3.83 -10.80
CA LEU A 18 -21.30 -3.80 -11.19
C LEU A 18 -21.93 -2.44 -10.88
N ASN A 19 -21.49 -1.79 -9.81
CA ASN A 19 -21.93 -0.43 -9.49
C ASN A 19 -21.12 0.53 -10.34
N THR A 20 -21.67 0.95 -11.49
CA THR A 20 -20.90 1.75 -12.43
C THR A 20 -20.74 3.21 -12.00
N SER A 21 -21.30 3.60 -10.86
CA SER A 21 -21.07 4.92 -10.30
CA SER A 21 -21.07 4.92 -10.30
C SER A 21 -19.76 5.01 -9.52
N VAL A 22 -19.05 3.91 -9.32
CA VAL A 22 -17.74 3.89 -8.69
C VAL A 22 -16.73 3.77 -9.81
N THR A 23 -16.01 4.87 -10.09
CA THR A 23 -15.28 5.02 -11.34
C THR A 23 -13.82 5.37 -11.15
N CYS A 24 -13.05 5.11 -12.20
CA CYS A 24 -11.72 5.64 -12.40
C CYS A 24 -11.78 7.16 -12.66
N ASN A 25 -10.59 7.78 -12.78
CA ASN A 25 -10.52 9.24 -12.96
C ASN A 25 -11.43 9.74 -14.07
N ASP A 26 -11.49 9.04 -15.22
CA ASP A 26 -12.17 9.58 -16.40
C ASP A 26 -13.63 9.16 -16.51
N GLY A 27 -14.21 8.58 -15.45
CA GLY A 27 -15.58 8.12 -15.47
C GLY A 27 -15.80 6.68 -15.90
N SER A 28 -14.78 6.00 -16.43
CA SER A 28 -14.90 4.59 -16.76
C SER A 28 -14.96 3.74 -15.48
N PRO A 29 -15.57 2.55 -15.54
CA PRO A 29 -15.74 1.75 -14.31
C PRO A 29 -14.41 1.29 -13.74
N ALA A 30 -14.32 1.28 -12.42
CA ALA A 30 -13.20 0.64 -11.73
C ALA A 30 -13.43 -0.88 -11.74
N GLY A 31 -12.52 -1.64 -11.13
CA GLY A 31 -12.62 -3.08 -11.16
C GLY A 31 -11.57 -3.76 -10.29
N TYR A 32 -11.42 -5.08 -10.47
CA TYR A 32 -10.47 -5.92 -9.76
C TYR A 32 -10.20 -7.17 -10.59
N TYR A 33 -9.01 -7.76 -10.40
CA TYR A 33 -8.64 -9.05 -10.97
C TYR A 33 -8.69 -10.11 -9.89
N LEU A 34 -9.35 -11.25 -10.18
CA LEU A 34 -9.60 -12.27 -9.15
C LEU A 34 -9.15 -13.65 -9.61
N LYS A 35 -8.54 -14.40 -8.68
CA LYS A 35 -8.25 -15.82 -8.84
C LYS A 35 -8.70 -16.51 -7.56
N GLU A 36 -9.74 -17.33 -7.65
CA GLU A 36 -10.29 -17.95 -6.45
C GLU A 36 -9.51 -19.21 -6.09
N SER A 37 -9.57 -19.57 -4.80
CA SER A 37 -8.97 -20.82 -4.29
C SER A 37 -10.00 -21.45 -3.34
N ARG A 38 -10.82 -22.35 -3.89
CA ARG A 38 -11.99 -22.84 -3.17
C ARG A 38 -11.63 -23.59 -1.88
N GLY A 39 -10.42 -24.10 -1.76
CA GLY A 39 -10.06 -24.77 -0.52
C GLY A 39 -9.41 -23.88 0.52
N SER A 40 -9.58 -22.55 0.43
CA SER A 40 -8.92 -21.64 1.36
C SER A 40 -9.89 -20.60 1.90
N ARG A 41 -9.64 -20.20 3.15
CA ARG A 41 -10.41 -19.16 3.81
C ARG A 41 -9.61 -17.87 4.00
N ARG A 42 -8.50 -17.74 3.30
CA ARG A 42 -7.66 -16.55 3.33
C ARG A 42 -7.82 -15.77 2.03
N TRP A 43 -7.94 -14.44 2.16
CA TRP A 43 -8.16 -13.53 1.04
C TRP A 43 -7.10 -12.44 1.05
N LEU A 44 -6.42 -12.25 -0.08
CA LEU A 44 -5.39 -11.23 -0.22
C LEU A 44 -5.84 -10.19 -1.24
N LEU A 45 -6.02 -8.95 -0.79
CA LEU A 45 -6.44 -7.85 -1.65
C LEU A 45 -5.28 -6.86 -1.75
N PHE A 46 -4.70 -6.73 -2.93
CA PHE A 46 -3.48 -5.96 -3.15
C PHE A 46 -3.78 -4.64 -3.85
N LEU A 47 -3.27 -3.51 -3.31
CA LEU A 47 -3.46 -2.19 -3.90
C LEU A 47 -2.24 -1.77 -4.73
N GLU A 48 -2.43 -1.58 -6.04
CA GLU A 48 -1.34 -1.08 -6.90
C GLU A 48 -0.93 0.34 -6.51
N GLY A 49 0.32 0.71 -6.84
CA GLY A 49 0.83 2.04 -6.63
C GLY A 49 1.06 2.80 -7.93
N GLY A 50 1.72 3.97 -7.80
CA GLY A 50 2.09 4.77 -8.97
C GLY A 50 1.91 6.28 -8.85
N TRP A 51 2.41 6.88 -7.76
CA TRP A 51 2.42 8.35 -7.54
C TRP A 51 0.97 8.85 -7.45
N TYR A 52 0.67 10.06 -7.95
CA TYR A 52 -0.63 10.72 -7.83
C TYR A 52 -0.62 11.99 -8.67
N CYS A 53 -1.75 12.70 -8.75
CA CYS A 53 -1.78 14.02 -9.37
C CYS A 53 -2.66 14.94 -8.52
N PHE A 54 -2.31 16.24 -8.48
CA PHE A 54 -2.93 17.11 -7.49
C PHE A 54 -3.58 18.38 -8.03
N ASN A 55 -3.64 18.58 -9.35
CA ASN A 55 -4.43 19.68 -9.91
C ASN A 55 -4.78 19.36 -11.36
N ARG A 56 -5.54 20.27 -12.00
CA ARG A 56 -6.06 20.01 -13.34
C ARG A 56 -4.93 19.81 -14.34
N GLU A 57 -3.96 20.75 -14.36
CA GLU A 57 -2.89 20.68 -15.34
C GLU A 57 -2.01 19.45 -15.16
N ASN A 58 -1.71 19.12 -13.91
CA ASN A 58 -0.84 17.98 -13.64
C ASN A 58 -1.57 16.66 -13.88
N CYS A 59 -2.90 16.64 -13.66
CA CYS A 59 -3.68 15.44 -13.99
C CYS A 59 -3.87 15.25 -15.50
N ASP A 60 -3.99 16.37 -16.26
CA ASP A 60 -4.07 16.28 -17.72
C ASP A 60 -2.81 15.65 -18.31
N SER A 61 -1.64 16.03 -17.77
N SER A 61 -1.64 16.02 -17.79
CA SER A 61 -0.37 15.46 -18.23
CA SER A 61 -0.40 15.43 -18.29
C SER A 61 -0.35 13.95 -18.01
C SER A 61 -0.35 13.93 -18.02
N ARG A 62 -0.75 13.51 -16.82
CA ARG A 62 -0.81 12.07 -16.50
C ARG A 62 -1.81 11.34 -17.41
N TYR A 63 -2.92 11.99 -17.75
CA TYR A 63 -3.89 11.36 -18.65
C TYR A 63 -3.30 11.13 -20.04
N ASP A 64 -2.32 11.93 -20.44
CA ASP A 64 -1.74 11.77 -21.78
C ASP A 64 -0.78 10.59 -21.86
N THR A 65 0.01 10.35 -20.82
CA THR A 65 1.07 9.35 -20.92
C THR A 65 1.08 8.34 -19.78
N MET A 66 0.06 8.34 -18.90
CA MET A 66 -0.07 7.32 -17.87
C MET A 66 -1.54 6.92 -17.73
N ARG A 67 -2.19 6.67 -18.88
CA ARG A 67 -3.65 6.60 -18.91
C ARG A 67 -4.21 5.35 -18.21
N ARG A 68 -3.50 4.22 -18.26
CA ARG A 68 -3.97 3.03 -17.53
C ARG A 68 -4.07 3.28 -16.03
N LEU A 69 -3.39 4.31 -15.51
CA LEU A 69 -3.56 4.74 -14.12
C LEU A 69 -4.68 5.77 -13.95
N MET A 70 -5.51 5.99 -14.99
CA MET A 70 -6.62 6.93 -14.90
C MET A 70 -7.89 6.42 -15.57
N SER A 71 -7.92 5.18 -16.04
CA SER A 71 -8.98 4.72 -16.93
C SER A 71 -8.91 3.20 -17.06
N SER A 72 -10.07 2.54 -17.18
CA SER A 72 -10.11 1.11 -17.42
C SER A 72 -10.29 0.75 -18.90
N ARG A 73 -10.39 1.75 -19.78
CA ARG A 73 -10.78 1.49 -21.17
C ARG A 73 -9.79 0.57 -21.88
N ASP A 74 -8.52 0.54 -21.46
CA ASP A 74 -7.50 -0.27 -22.15
C ASP A 74 -6.96 -1.39 -21.28
N TRP A 75 -7.65 -1.75 -20.20
CA TRP A 75 -7.17 -2.80 -19.31
C TRP A 75 -7.23 -4.16 -19.99
N PRO A 76 -6.25 -5.04 -19.78
CA PRO A 76 -6.34 -6.41 -20.30
C PRO A 76 -7.31 -7.25 -19.50
N ARG A 77 -7.78 -8.34 -20.13
CA ARG A 77 -8.74 -9.20 -19.46
C ARG A 77 -8.11 -10.06 -18.38
N THR A 78 -6.79 -10.24 -18.38
CA THR A 78 -6.14 -11.03 -17.36
C THR A 78 -4.84 -10.36 -16.91
N ARG A 79 -4.31 -10.87 -15.80
CA ARG A 79 -3.02 -10.44 -15.28
C ARG A 79 -2.38 -11.61 -14.54
N THR A 80 -1.08 -11.79 -14.73
CA THR A 80 -0.35 -12.88 -14.07
C THR A 80 -0.04 -12.50 -12.62
N GLY A 81 -0.35 -13.39 -11.68
CA GLY A 81 -0.02 -13.16 -10.30
C GLY A 81 1.46 -13.45 -10.04
N THR A 82 2.14 -12.50 -9.39
CA THR A 82 3.57 -12.58 -9.14
C THR A 82 3.87 -12.26 -7.68
N GLY A 83 5.00 -12.81 -7.20
CA GLY A 83 5.38 -12.58 -5.81
C GLY A 83 4.35 -13.13 -4.85
N ILE A 84 3.89 -12.27 -3.94
CA ILE A 84 2.89 -12.69 -2.96
C ILE A 84 1.54 -13.01 -3.62
N LEU A 85 1.32 -12.57 -4.87
CA LEU A 85 0.13 -12.93 -5.62
C LEU A 85 0.32 -14.19 -6.46
N SER A 86 1.47 -14.86 -6.35
CA SER A 86 1.68 -16.10 -7.09
C SER A 86 1.05 -17.28 -6.35
N SER A 87 0.54 -18.25 -7.13
CA SER A 87 -0.06 -19.46 -6.60
C SER A 87 0.89 -20.64 -6.56
N GLN A 88 2.18 -20.46 -6.95
CA GLN A 88 3.16 -21.54 -6.91
C GLN A 88 3.93 -21.50 -5.59
N PRO A 89 4.01 -22.63 -4.86
CA PRO A 89 4.74 -22.61 -3.58
C PRO A 89 6.17 -22.15 -3.69
N GLU A 90 6.83 -22.43 -4.82
CA GLU A 90 8.22 -22.03 -4.96
C GLU A 90 8.39 -20.52 -5.05
N GLU A 91 7.45 -19.83 -5.72
CA GLU A 91 7.55 -18.37 -5.81
C GLU A 91 6.96 -17.67 -4.59
N ASN A 92 6.03 -18.31 -3.88
CA ASN A 92 5.29 -17.68 -2.79
C ASN A 92 5.17 -18.66 -1.63
N PRO A 93 6.22 -18.80 -0.82
CA PRO A 93 6.15 -19.72 0.34
C PRO A 93 5.12 -19.30 1.38
N TYR A 94 4.69 -18.04 1.37
CA TYR A 94 3.80 -17.50 2.41
C TYR A 94 2.34 -17.93 2.22
N TRP A 95 1.69 -17.44 1.16
CA TRP A 95 0.23 -17.55 0.99
C TRP A 95 -0.15 -18.09 -0.39
N TRP A 96 0.56 -19.11 -0.89
CA TRP A 96 0.33 -19.57 -2.26
C TRP A 96 -1.06 -20.15 -2.49
N ASN A 97 -1.74 -20.62 -1.43
CA ASN A 97 -3.06 -21.21 -1.57
C ASN A 97 -4.21 -20.24 -1.31
N ALA A 98 -3.94 -18.95 -1.16
CA ALA A 98 -5.00 -18.01 -0.84
C ALA A 98 -5.79 -17.59 -2.08
N ASN A 99 -6.99 -17.04 -1.84
CA ASN A 99 -7.70 -16.31 -2.87
C ASN A 99 -6.99 -14.98 -3.16
N MET A 100 -6.70 -14.70 -4.43
CA MET A 100 -5.87 -13.55 -4.83
C MET A 100 -6.67 -12.48 -5.55
N VAL A 101 -6.50 -11.21 -5.13
CA VAL A 101 -7.16 -10.06 -5.75
C VAL A 101 -6.12 -8.96 -5.98
N PHE A 102 -6.08 -8.45 -7.22
CA PHE A 102 -5.26 -7.29 -7.61
C PHE A 102 -6.23 -6.17 -7.94
N ILE A 103 -6.15 -5.05 -7.21
CA ILE A 103 -7.03 -3.90 -7.43
C ILE A 103 -6.22 -2.82 -8.16
N PRO A 104 -6.48 -2.56 -9.43
CA PRO A 104 -5.71 -1.54 -10.15
C PRO A 104 -5.92 -0.15 -9.57
N TYR A 105 -4.85 0.65 -9.61
CA TYR A 105 -4.86 2.02 -9.11
C TYR A 105 -5.23 2.94 -10.28
N CYS A 106 -6.47 3.44 -10.30
CA CYS A 106 -6.88 4.33 -11.39
C CYS A 106 -7.56 5.60 -10.86
N SER A 107 -7.28 5.99 -9.61
CA SER A 107 -7.86 7.19 -9.01
C SER A 107 -6.85 8.29 -8.67
N SER A 108 -5.55 8.05 -8.77
CA SER A 108 -4.50 9.09 -8.67
C SER A 108 -4.58 9.92 -7.39
N ASP A 109 -5.05 9.30 -6.29
CA ASP A 109 -5.37 10.01 -5.06
C ASP A 109 -4.82 9.30 -3.82
N VAL A 110 -3.85 8.41 -4.01
CA VAL A 110 -3.19 7.62 -2.96
C VAL A 110 -4.30 6.84 -2.22
N TRP A 111 -5.36 6.46 -2.96
CA TRP A 111 -6.48 5.65 -2.45
C TRP A 111 -7.29 6.36 -1.35
N SER A 112 -7.34 7.70 -1.38
CA SER A 112 -7.99 8.49 -0.34
C SER A 112 -9.27 9.21 -0.76
N GLY A 113 -9.60 9.23 -2.05
CA GLY A 113 -10.63 10.13 -2.53
C GLY A 113 -12.05 9.60 -2.40
N ALA A 114 -13.00 10.53 -2.37
CA ALA A 114 -14.43 10.24 -2.34
C ALA A 114 -15.20 11.34 -3.06
N SER A 115 -14.90 11.55 -4.34
N SER A 115 -14.88 11.59 -4.33
CA SER A 115 -15.50 12.64 -5.11
CA SER A 115 -15.58 12.62 -5.08
C SER A 115 -15.79 12.17 -6.54
C SER A 115 -15.81 12.15 -6.51
N SER A 116 -17.01 12.41 -7.00
CA SER A 116 -17.43 12.02 -8.35
C SER A 116 -17.06 13.08 -9.39
N LYS A 117 -16.96 12.63 -10.64
CA LYS A 117 -16.93 13.54 -11.78
C LYS A 117 -18.28 14.23 -11.93
N SER A 118 -18.26 15.54 -12.18
CA SER A 118 -19.50 16.32 -12.19
C SER A 118 -19.30 17.56 -13.07
N GLU A 119 -20.30 18.45 -13.07
CA GLU A 119 -20.18 19.69 -13.83
C GLU A 119 -19.01 20.54 -13.31
N LYS A 120 -18.65 20.37 -12.04
CA LYS A 120 -17.58 21.16 -11.42
C LYS A 120 -16.27 20.39 -11.27
N ASN A 121 -16.23 19.11 -11.62
CA ASN A 121 -15.04 18.28 -11.47
C ASN A 121 -14.73 17.59 -12.79
N GLU A 122 -13.58 17.90 -13.39
CA GLU A 122 -13.18 17.22 -14.63
C GLU A 122 -12.87 15.75 -14.39
N TYR A 123 -12.34 15.39 -13.22
CA TYR A 123 -11.99 14.01 -12.90
C TYR A 123 -12.68 13.54 -11.63
N ALA A 124 -12.85 12.22 -11.53
CA ALA A 124 -13.35 11.56 -10.33
C ALA A 124 -12.16 11.04 -9.53
N PHE A 125 -12.26 11.18 -8.20
CA PHE A 125 -11.23 10.72 -7.27
C PHE A 125 -11.94 9.83 -6.23
N MET A 126 -11.99 8.52 -6.50
CA MET A 126 -12.84 7.64 -5.69
C MET A 126 -12.09 6.46 -5.09
N GLY A 127 -10.79 6.61 -4.81
CA GLY A 127 -9.99 5.48 -4.33
C GLY A 127 -10.53 4.83 -3.06
N ALA A 128 -10.95 5.63 -2.08
CA ALA A 128 -11.48 5.05 -0.84
C ALA A 128 -12.78 4.29 -1.10
N LEU A 129 -13.61 4.77 -2.04
CA LEU A 129 -14.87 4.11 -2.38
C LEU A 129 -14.66 2.89 -3.28
N ILE A 130 -13.60 2.88 -4.07
CA ILE A 130 -13.26 1.70 -4.87
C ILE A 130 -12.97 0.51 -3.96
N ILE A 131 -12.16 0.73 -2.91
CA ILE A 131 -11.82 -0.37 -1.99
C ILE A 131 -13.09 -0.91 -1.33
N GLN A 132 -13.96 -0.02 -0.85
CA GLN A 132 -15.22 -0.42 -0.20
C GLN A 132 -16.11 -1.21 -1.15
N GLU A 133 -16.20 -0.79 -2.42
CA GLU A 133 -17.08 -1.46 -3.37
C GLU A 133 -16.53 -2.82 -3.79
N VAL A 134 -15.20 -2.94 -3.92
CA VAL A 134 -14.60 -4.24 -4.22
C VAL A 134 -14.91 -5.23 -3.10
N VAL A 135 -14.73 -4.81 -1.84
CA VAL A 135 -15.07 -5.68 -0.71
C VAL A 135 -16.53 -6.10 -0.78
N ARG A 136 -17.43 -5.15 -1.06
CA ARG A 136 -18.86 -5.46 -1.08
C ARG A 136 -19.18 -6.52 -2.13
N GLU A 137 -18.67 -6.36 -3.36
CA GLU A 137 -19.01 -7.30 -4.41
C GLU A 137 -18.34 -8.66 -4.18
N LEU A 138 -17.17 -8.68 -3.54
CA LEU A 138 -16.48 -9.94 -3.28
C LEU A 138 -17.20 -10.80 -2.25
N LEU A 139 -17.94 -10.19 -1.31
CA LEU A 139 -18.63 -10.99 -0.30
C LEU A 139 -19.58 -11.99 -0.93
N GLY A 140 -20.13 -11.68 -2.11
CA GLY A 140 -20.96 -12.61 -2.85
C GLY A 140 -20.24 -13.63 -3.69
N ARG A 141 -18.92 -13.57 -3.75
CA ARG A 141 -18.09 -14.52 -4.49
C ARG A 141 -17.25 -15.40 -3.57
N GLY A 142 -17.52 -15.41 -2.27
CA GLY A 142 -16.74 -16.23 -1.37
C GLY A 142 -16.18 -15.54 -0.15
N LEU A 143 -15.97 -14.22 -0.20
CA LEU A 143 -15.35 -13.51 0.92
C LEU A 143 -16.18 -13.63 2.19
N SER A 144 -17.49 -13.88 2.07
CA SER A 144 -18.34 -14.12 3.24
C SER A 144 -17.86 -15.28 4.09
N GLY A 145 -17.11 -16.23 3.52
CA GLY A 145 -16.59 -17.35 4.27
C GLY A 145 -15.19 -17.20 4.82
N ALA A 146 -14.57 -16.03 4.66
CA ALA A 146 -13.16 -15.87 5.00
C ALA A 146 -12.93 -15.90 6.51
N LYS A 147 -11.71 -16.28 6.90
CA LYS A 147 -11.22 -16.10 8.26
C LYS A 147 -10.22 -14.96 8.38
N VAL A 148 -9.46 -14.67 7.34
CA VAL A 148 -8.51 -13.56 7.33
C VAL A 148 -8.62 -12.82 6.01
N LEU A 149 -8.73 -11.49 6.07
CA LEU A 149 -8.63 -10.61 4.90
C LEU A 149 -7.36 -9.78 5.08
N LEU A 150 -6.35 -10.02 4.27
CA LEU A 150 -5.12 -9.22 4.32
C LEU A 150 -5.17 -8.15 3.23
N LEU A 151 -5.25 -6.88 3.64
CA LEU A 151 -5.18 -5.75 2.71
C LEU A 151 -3.72 -5.33 2.55
N ALA A 152 -3.15 -5.56 1.37
CA ALA A 152 -1.75 -5.29 1.08
C ALA A 152 -1.64 -4.25 -0.02
N GLY A 153 -0.42 -3.74 -0.22
CA GLY A 153 -0.20 -2.70 -1.23
C GLY A 153 1.24 -2.22 -1.27
N SER A 154 1.67 -1.74 -2.45
CA SER A 154 3.04 -1.30 -2.67
C SER A 154 3.03 0.17 -3.09
N SER A 155 3.97 0.95 -2.54
CA SER A 155 4.19 2.35 -2.89
C SER A 155 2.98 3.18 -2.49
N ALA A 156 2.38 3.91 -3.44
CA ALA A 156 1.14 4.61 -3.14
C ALA A 156 0.07 3.66 -2.62
N GLY A 157 0.10 2.39 -3.04
CA GLY A 157 -0.83 1.41 -2.49
C GLY A 157 -0.47 1.02 -1.06
N GLY A 158 0.82 1.07 -0.71
CA GLY A 158 1.22 0.87 0.67
C GLY A 158 0.71 1.95 1.59
N THR A 159 0.79 3.21 1.17
CA THR A 159 0.17 4.27 1.97
C THR A 159 -1.34 4.07 2.02
N GLY A 160 -1.93 3.61 0.91
CA GLY A 160 -3.36 3.32 0.88
C GLY A 160 -3.78 2.29 1.90
N VAL A 161 -2.93 1.29 2.17
CA VAL A 161 -3.23 0.31 3.24
C VAL A 161 -3.39 1.02 4.58
N LEU A 162 -2.45 1.92 4.90
CA LEU A 162 -2.50 2.65 6.17
C LEU A 162 -3.74 3.52 6.26
N LEU A 163 -4.18 4.09 5.13
CA LEU A 163 -5.34 4.98 5.16
C LEU A 163 -6.66 4.22 5.25
N ASN A 164 -6.71 2.95 4.80
CA ASN A 164 -7.99 2.27 4.61
C ASN A 164 -8.20 0.99 5.42
N VAL A 165 -7.18 0.45 6.10
CA VAL A 165 -7.34 -0.88 6.70
C VAL A 165 -8.42 -0.87 7.80
N ASP A 166 -8.49 0.20 8.61
CA ASP A 166 -9.50 0.23 9.67
C ASP A 166 -10.90 0.47 9.12
N ARG A 167 -11.03 1.12 7.96
CA ARG A 167 -12.36 1.33 7.38
C ARG A 167 -12.92 0.03 6.81
N VAL A 168 -12.06 -0.81 6.21
CA VAL A 168 -12.49 -2.14 5.78
C VAL A 168 -12.96 -2.97 6.99
N ALA A 169 -12.23 -2.88 8.11
CA ALA A 169 -12.62 -3.64 9.30
C ALA A 169 -13.97 -3.17 9.82
N GLU A 170 -14.20 -1.85 9.80
CA GLU A 170 -15.46 -1.30 10.28
C GLU A 170 -16.61 -1.63 9.31
N GLN A 171 -16.33 -1.60 8.01
CA GLN A 171 -17.33 -1.99 7.01
C GLN A 171 -17.83 -3.42 7.23
N LEU A 172 -16.91 -4.35 7.48
CA LEU A 172 -17.31 -5.74 7.65
C LEU A 172 -18.05 -5.96 8.97
N GLU A 173 -17.66 -5.23 10.03
CA GLU A 173 -18.40 -5.35 11.28
C GLU A 173 -19.83 -4.87 11.12
N LYS A 174 -20.02 -3.71 10.48
CA LYS A 174 -21.38 -3.18 10.30
C LYS A 174 -22.22 -4.02 9.33
N LEU A 175 -21.57 -4.78 8.44
CA LEU A 175 -22.32 -5.67 7.55
C LEU A 175 -22.69 -6.99 8.20
N GLY A 176 -22.25 -7.25 9.42
CA GLY A 176 -22.57 -8.47 10.11
C GLY A 176 -21.55 -9.58 9.97
N TYR A 177 -20.28 -9.25 9.72
CA TYR A 177 -19.20 -10.23 9.60
C TYR A 177 -18.12 -9.98 10.64
N PRO A 178 -18.44 -10.12 11.93
CA PRO A 178 -17.42 -9.83 12.96
C PRO A 178 -16.31 -10.88 13.05
N ALA A 179 -16.46 -12.03 12.39
CA ALA A 179 -15.49 -13.11 12.49
C ALA A 179 -14.32 -12.99 11.51
N ILE A 180 -14.43 -12.15 10.48
CA ILE A 180 -13.33 -11.99 9.52
C ILE A 180 -12.28 -11.08 10.14
N GLN A 181 -11.06 -11.58 10.29
CA GLN A 181 -9.97 -10.79 10.86
C GLN A 181 -9.31 -9.97 9.75
N VAL A 182 -9.41 -8.65 9.84
CA VAL A 182 -8.80 -7.75 8.87
C VAL A 182 -7.40 -7.35 9.36
N ARG A 183 -6.42 -7.38 8.45
CA ARG A 183 -5.02 -7.05 8.73
C ARG A 183 -4.45 -6.27 7.55
N GLY A 184 -3.33 -5.57 7.78
CA GLY A 184 -2.70 -4.77 6.72
C GLY A 184 -1.25 -5.13 6.51
N LEU A 185 -0.82 -5.00 5.24
CA LEU A 185 0.58 -5.17 4.85
C LEU A 185 0.99 -4.00 3.95
N ALA A 186 1.76 -3.06 4.49
CA ALA A 186 2.14 -1.82 3.80
C ALA A 186 3.60 -1.90 3.33
N ASP A 187 3.79 -1.97 2.01
CA ASP A 187 5.10 -2.14 1.38
C ASP A 187 5.50 -0.84 0.69
N SER A 188 6.62 -0.25 1.12
CA SER A 188 7.20 0.94 0.46
C SER A 188 6.26 2.15 0.50
N GLY A 189 5.49 2.28 1.59
CA GLY A 189 4.56 3.39 1.73
C GLY A 189 4.77 4.22 2.98
N TRP A 190 5.91 4.04 3.64
CA TRP A 190 6.25 4.65 4.94
C TRP A 190 7.30 5.76 4.72
N PHE A 191 6.83 7.00 4.59
CA PHE A 191 7.67 8.14 4.22
C PHE A 191 7.88 9.12 5.37
N LEU A 192 8.94 9.93 5.21
CA LEU A 192 9.32 10.96 6.17
C LEU A 192 9.11 12.32 5.52
N ASP A 193 8.45 13.22 6.24
CA ASP A 193 8.29 14.62 5.83
C ASP A 193 9.52 15.42 6.27
N ASN A 194 10.68 15.03 5.73
CA ASN A 194 11.95 15.60 6.14
C ASN A 194 12.38 16.76 5.24
N LYS A 195 13.42 17.47 5.70
CA LYS A 195 14.15 18.46 4.90
C LYS A 195 14.74 17.84 3.65
N GLN A 196 14.57 18.51 2.51
CA GLN A 196 15.21 18.04 1.29
C GLN A 196 16.72 18.35 1.31
N TYR A 197 17.48 17.56 0.52
CA TYR A 197 18.92 17.77 0.38
C TYR A 197 19.23 19.05 -0.38
N ARG A 198 18.52 19.28 -1.49
CA ARG A 198 18.56 20.53 -2.24
C ARG A 198 17.12 20.97 -2.49
N HIS A 199 16.89 22.27 -2.41
CA HIS A 199 15.52 22.79 -2.43
C HIS A 199 15.05 23.08 -3.84
N THR A 211 5.02 18.01 0.97
CA THR A 211 3.89 18.14 1.90
C THR A 211 2.88 19.15 1.35
N GLU A 212 3.37 20.11 0.55
CA GLU A 212 2.48 21.06 -0.09
C GLU A 212 1.60 20.39 -1.14
N ALA A 213 2.17 19.46 -1.92
CA ALA A 213 1.42 18.78 -2.96
C ALA A 213 0.32 17.91 -2.37
N ILE A 214 0.59 17.27 -1.23
CA ILE A 214 -0.42 16.44 -0.58
C ILE A 214 -1.51 17.31 0.03
N ARG A 215 -1.14 18.45 0.61
CA ARG A 215 -2.14 19.34 1.17
C ARG A 215 -3.12 19.82 0.08
N ARG A 216 -2.59 20.18 -1.09
CA ARG A 216 -3.45 20.61 -2.19
C ARG A 216 -4.24 19.43 -2.76
N GLY A 217 -3.59 18.27 -2.87
CA GLY A 217 -4.27 17.06 -3.32
C GLY A 217 -5.51 16.73 -2.51
N ILE A 218 -5.40 16.77 -1.17
CA ILE A 218 -6.54 16.39 -0.34
C ILE A 218 -7.76 17.25 -0.64
N ARG A 219 -7.57 18.56 -0.82
CA ARG A 219 -8.71 19.40 -1.15
C ARG A 219 -9.22 19.11 -2.56
N TYR A 220 -8.30 18.86 -3.51
CA TYR A 220 -8.69 18.57 -4.88
C TYR A 220 -9.51 17.27 -4.95
N TRP A 221 -9.17 16.28 -4.13
CA TRP A 221 -9.76 14.95 -4.20
C TRP A 221 -10.93 14.75 -3.26
N ASN A 222 -11.20 15.69 -2.36
CA ASN A 222 -12.04 15.44 -1.19
C ASN A 222 -11.53 14.20 -0.44
N GLY A 223 -10.23 14.22 -0.12
CA GLY A 223 -9.60 13.05 0.46
C GLY A 223 -10.05 12.79 1.88
N VAL A 224 -10.06 11.52 2.27
CA VAL A 224 -10.49 11.10 3.60
C VAL A 224 -9.37 10.33 4.27
N VAL A 225 -9.27 10.47 5.60
CA VAL A 225 -8.21 9.83 6.39
C VAL A 225 -8.86 9.09 7.55
N PRO A 226 -8.13 8.17 8.20
CA PRO A 226 -8.71 7.43 9.33
C PRO A 226 -9.20 8.36 10.44
N GLU A 227 -10.28 7.95 11.12
CA GLU A 227 -11.03 8.86 11.98
C GLU A 227 -10.24 9.30 13.21
N ARG A 228 -9.53 8.39 13.88
CA ARG A 228 -8.83 8.79 15.10
C ARG A 228 -7.68 9.74 14.77
N CYS A 229 -7.00 9.51 13.64
CA CYS A 229 -5.95 10.41 13.20
C CYS A 229 -6.51 11.78 12.80
N ARG A 230 -7.66 11.80 12.11
CA ARG A 230 -8.31 13.08 11.76
C ARG A 230 -8.66 13.89 13.00
N ARG A 231 -9.12 13.21 14.07
CA ARG A 231 -9.47 13.95 15.29
C ARG A 231 -8.25 14.49 16.01
N GLN A 232 -7.08 13.84 15.88
CA GLN A 232 -5.86 14.37 16.50
C GLN A 232 -5.39 15.65 15.80
N PHE A 233 -5.26 15.62 14.48
CA PHE A 233 -4.65 16.73 13.76
C PHE A 233 -5.66 17.81 13.34
N GLN A 234 -6.92 17.44 13.12
CA GLN A 234 -8.04 18.35 12.94
C GLN A 234 -8.03 19.08 11.60
N GLU A 235 -9.00 19.97 11.41
CA GLU A 235 -9.27 20.57 10.11
C GLU A 235 -8.04 21.31 9.58
N GLY A 236 -7.76 21.10 8.29
CA GLY A 236 -6.64 21.73 7.63
C GLY A 236 -5.33 20.99 7.75
N GLU A 237 -5.21 20.02 8.68
CA GLU A 237 -3.95 19.35 8.91
C GLU A 237 -4.02 17.84 8.63
N GLU A 238 -5.02 17.40 7.86
CA GLU A 238 -5.18 15.97 7.58
C GLU A 238 -4.01 15.40 6.79
N TRP A 239 -3.25 16.24 6.08
CA TRP A 239 -2.09 15.75 5.34
C TRP A 239 -1.16 14.93 6.22
N ASN A 240 -1.14 15.21 7.54
CA ASN A 240 -0.26 14.49 8.46
C ASN A 240 -0.54 13.00 8.47
N CYS A 241 -1.78 12.60 8.22
CA CYS A 241 -2.17 11.20 8.32
C CYS A 241 -1.71 10.37 7.13
N PHE A 242 -1.12 11.01 6.11
CA PHE A 242 -0.48 10.31 5.00
C PHE A 242 0.93 9.84 5.33
N PHE A 243 1.45 10.15 6.51
CA PHE A 243 2.82 9.80 6.88
C PHE A 243 2.80 8.70 7.93
N GLY A 244 3.42 7.56 7.57
CA GLY A 244 3.27 6.34 8.35
C GLY A 244 3.47 6.52 9.84
N TYR A 245 4.57 7.17 10.23
CA TYR A 245 4.90 7.26 11.65
C TYR A 245 3.90 8.11 12.43
N LYS A 246 3.05 8.89 11.75
CA LYS A 246 2.01 9.64 12.44
C LYS A 246 0.66 8.92 12.47
N VAL A 247 0.31 8.17 11.42
CA VAL A 247 -0.99 7.51 11.35
C VAL A 247 -0.98 6.12 12.00
N TYR A 248 0.11 5.36 11.89
CA TYR A 248 0.19 4.00 12.44
C TYR A 248 -0.20 3.90 13.91
N PRO A 249 0.27 4.76 14.83
CA PRO A 249 -0.12 4.62 16.25
C PRO A 249 -1.61 4.76 16.49
N THR A 250 -2.36 5.32 15.54
CA THR A 250 -3.81 5.50 15.71
C THR A 250 -4.63 4.31 15.23
N LEU A 251 -4.01 3.34 14.54
CA LEU A 251 -4.73 2.23 13.92
C LEU A 251 -5.00 1.10 14.91
N ARG A 252 -6.15 0.44 14.74
CA ARG A 252 -6.46 -0.71 15.60
C ARG A 252 -6.18 -2.06 14.96
N SER A 253 -6.24 -2.16 13.62
CA SER A 253 -5.96 -3.43 12.96
C SER A 253 -4.47 -3.73 12.96
N PRO A 254 -4.08 -5.02 13.02
CA PRO A 254 -2.66 -5.37 12.90
C PRO A 254 -2.11 -5.00 11.52
N VAL A 255 -0.96 -4.34 11.49
CA VAL A 255 -0.33 -3.90 10.25
C VAL A 255 1.15 -4.28 10.27
N PHE A 256 1.58 -5.05 9.28
CA PHE A 256 3.00 -5.38 9.06
C PHE A 256 3.58 -4.35 8.09
N VAL A 257 4.73 -3.75 8.43
CA VAL A 257 5.33 -2.65 7.66
C VAL A 257 6.61 -3.12 7.00
N VAL A 258 6.63 -3.10 5.66
CA VAL A 258 7.82 -3.39 4.85
C VAL A 258 8.35 -2.09 4.27
N GLN A 259 9.63 -1.78 4.49
CA GLN A 259 10.15 -0.47 4.08
C GLN A 259 11.66 -0.52 3.92
N TRP A 260 12.17 -0.36 2.69
CA TRP A 260 13.59 -0.11 2.52
C TRP A 260 14.01 1.16 3.27
N LEU A 261 15.19 1.11 3.89
CA LEU A 261 15.69 2.25 4.65
C LEU A 261 16.08 3.41 3.73
N PHE A 262 16.42 3.13 2.47
CA PHE A 262 16.84 4.13 1.50
C PHE A 262 15.92 3.99 0.27
N ASP A 263 14.65 4.32 0.46
CA ASP A 263 13.64 4.13 -0.57
C ASP A 263 13.87 5.11 -1.73
N GLU A 264 13.84 4.60 -2.96
CA GLU A 264 14.16 5.43 -4.13
C GLU A 264 13.17 6.58 -4.32
N ALA A 265 11.90 6.37 -3.95
CA ALA A 265 10.93 7.47 -4.07
C ALA A 265 11.11 8.49 -2.96
N GLN A 266 11.52 8.05 -1.77
CA GLN A 266 11.90 9.00 -0.72
C GLN A 266 13.09 9.85 -1.17
N LEU A 267 14.09 9.23 -1.78
CA LEU A 267 15.25 10.01 -2.21
C LEU A 267 14.88 10.95 -3.35
N THR A 268 14.00 10.52 -4.26
CA THR A 268 13.52 11.41 -5.31
C THR A 268 12.85 12.65 -4.74
N VAL A 269 11.91 12.48 -3.80
CA VAL A 269 11.26 13.66 -3.25
C VAL A 269 12.23 14.51 -2.43
N ASP A 270 13.35 13.94 -1.99
CA ASP A 270 14.39 14.68 -1.28
C ASP A 270 15.42 15.31 -2.21
N ASN A 271 15.31 15.10 -3.53
CA ASN A 271 16.25 15.65 -4.53
C ASN A 271 17.67 15.09 -4.34
N VAL A 272 17.76 13.78 -4.12
CA VAL A 272 19.03 13.06 -4.06
C VAL A 272 19.18 12.22 -5.32
N HIS A 273 20.35 12.30 -5.96
CA HIS A 273 20.68 11.45 -7.12
C HIS A 273 22.10 10.92 -7.03
N VAL A 279 30.69 10.32 -3.50
CA VAL A 279 29.79 11.00 -2.56
C VAL A 279 30.61 11.81 -1.53
N GLN A 280 30.38 13.12 -1.40
CA GLN A 280 31.17 13.86 -0.42
C GLN A 280 30.41 13.97 0.90
N GLU A 281 31.05 14.65 1.85
CA GLU A 281 30.63 14.61 3.25
C GLU A 281 29.18 15.03 3.44
N GLY A 282 28.77 16.14 2.80
CA GLY A 282 27.40 16.62 2.99
C GLY A 282 26.36 15.58 2.63
N LEU A 283 26.50 14.96 1.46
CA LEU A 283 25.50 13.98 1.05
C LEU A 283 25.64 12.68 1.84
N ARG A 284 26.87 12.29 2.19
CA ARG A 284 27.04 11.11 3.04
C ARG A 284 26.30 11.27 4.36
N LEU A 285 26.49 12.42 5.00
CA LEU A 285 25.81 12.67 6.27
C LEU A 285 24.30 12.74 6.09
N TYR A 286 23.82 13.33 4.99
CA TYR A 286 22.38 13.37 4.71
C TYR A 286 21.81 11.94 4.62
N ILE A 287 22.43 11.10 3.81
CA ILE A 287 21.92 9.75 3.58
C ILE A 287 22.00 8.93 4.86
N GLN A 288 23.08 9.07 5.63
CA GLN A 288 23.19 8.30 6.88
C GLN A 288 22.13 8.73 7.89
N ASN A 289 21.86 10.04 7.96
CA ASN A 289 20.83 10.54 8.86
C ASN A 289 19.44 10.07 8.44
N LEU A 290 19.20 9.97 7.12
CA LEU A 290 17.90 9.46 6.64
C LEU A 290 17.66 8.01 7.08
N GLY A 291 18.66 7.14 6.91
CA GLY A 291 18.53 5.78 7.43
C GLY A 291 18.31 5.71 8.93
N ARG A 292 19.06 6.52 9.69
CA ARG A 292 18.87 6.56 11.14
C ARG A 292 17.47 7.01 11.53
N GLU A 293 16.94 8.03 10.85
CA GLU A 293 15.61 8.52 11.19
C GLU A 293 14.54 7.47 10.89
N LEU A 294 14.68 6.78 9.76
N LEU A 294 14.66 6.79 9.75
CA LEU A 294 13.70 5.76 9.41
CA LEU A 294 13.68 5.75 9.43
C LEU A 294 13.74 4.60 10.42
C LEU A 294 13.74 4.62 10.46
N ARG A 295 14.94 4.16 10.79
CA ARG A 295 15.10 3.12 11.82
C ARG A 295 14.44 3.54 13.14
N HIS A 296 14.55 4.82 13.50
CA HIS A 296 13.97 5.31 14.75
C HIS A 296 12.44 5.26 14.74
N THR A 297 11.81 5.62 13.60
CA THR A 297 10.35 5.57 13.49
C THR A 297 9.82 4.15 13.55
N LEU A 298 10.65 3.15 13.26
CA LEU A 298 10.21 1.77 13.28
C LEU A 298 10.50 1.05 14.61
N LYS A 299 11.06 1.74 15.61
CA LYS A 299 11.57 1.03 16.79
C LYS A 299 10.46 0.36 17.59
N ASP A 300 9.27 0.96 17.63
CA ASP A 300 8.12 0.41 18.35
C ASP A 300 7.06 -0.12 17.39
N VAL A 301 7.47 -0.57 16.21
CA VAL A 301 6.57 -1.24 15.28
C VAL A 301 6.87 -2.73 15.38
N PRO A 302 6.05 -3.53 16.07
CA PRO A 302 6.45 -4.91 16.36
C PRO A 302 6.52 -5.82 15.14
N ALA A 303 5.77 -5.55 14.07
CA ALA A 303 5.78 -6.38 12.87
C ALA A 303 6.30 -5.54 11.71
N SER A 304 7.56 -5.75 11.33
CA SER A 304 8.19 -4.85 10.35
C SER A 304 9.41 -5.53 9.75
N PHE A 305 9.74 -5.12 8.50
CA PHE A 305 10.85 -5.71 7.73
C PHE A 305 11.51 -4.56 6.98
N ALA A 306 12.75 -4.22 7.33
CA ALA A 306 13.35 -2.96 6.87
C ALA A 306 14.83 -3.12 6.55
N PRO A 307 15.15 -3.57 5.33
CA PRO A 307 16.55 -3.78 4.96
C PRO A 307 17.24 -2.50 4.50
N ALA A 308 18.57 -2.50 4.70
CA ALA A 308 19.41 -1.35 4.36
C ALA A 308 19.80 -1.41 2.87
N CYS A 309 18.82 -1.12 2.01
CA CYS A 309 18.98 -1.18 0.57
C CYS A 309 18.43 0.07 -0.09
N LEU A 310 19.01 0.41 -1.24
CA LEU A 310 18.46 1.40 -2.16
C LEU A 310 17.58 0.67 -3.17
N SER A 311 16.26 0.78 -3.02
CA SER A 311 15.32 0.05 -3.87
C SER A 311 13.93 0.68 -3.76
N HIS A 312 12.95 0.05 -4.43
CA HIS A 312 11.56 0.51 -4.28
C HIS A 312 10.62 -0.65 -4.61
N GLU A 313 9.64 -0.90 -3.73
CA GLU A 313 8.67 -2.01 -3.79
C GLU A 313 9.35 -3.38 -3.62
N ILE A 314 8.59 -4.41 -3.23
CA ILE A 314 9.12 -5.78 -3.16
C ILE A 314 8.03 -6.87 -3.25
N ILE A 315 6.83 -6.64 -2.69
CA ILE A 315 6.04 -7.84 -2.40
C ILE A 315 5.44 -8.50 -3.65
N ILE A 316 5.22 -7.81 -4.77
CA ILE A 316 4.77 -8.52 -5.97
C ILE A 316 5.91 -8.76 -6.97
N ARG A 317 7.17 -8.60 -6.55
CA ARG A 317 8.30 -8.95 -7.40
C ARG A 317 8.56 -10.45 -7.32
N SER A 318 8.92 -11.06 -8.46
CA SER A 318 9.07 -12.52 -8.48
C SER A 318 10.17 -12.98 -7.53
N HIS A 319 11.25 -12.22 -7.39
CA HIS A 319 12.38 -12.62 -6.56
C HIS A 319 12.30 -12.03 -5.16
N TRP A 320 11.09 -11.91 -4.60
CA TRP A 320 10.90 -11.20 -3.35
C TRP A 320 11.37 -12.11 -2.21
N THR A 321 11.60 -13.39 -2.52
CA THR A 321 12.05 -14.38 -1.55
C THR A 321 13.53 -14.26 -1.24
N ASP A 322 14.28 -13.44 -2.00
CA ASP A 322 15.73 -13.43 -1.94
C ASP A 322 16.29 -12.59 -0.81
N VAL A 323 15.59 -11.54 -0.36
CA VAL A 323 16.17 -10.59 0.58
C VAL A 323 15.98 -11.10 2.01
N GLN A 324 16.99 -10.88 2.86
CA GLN A 324 17.00 -11.34 4.25
C GLN A 324 17.50 -10.24 5.18
N VAL A 325 16.94 -10.19 6.38
CA VAL A 325 17.44 -9.35 7.47
C VAL A 325 17.75 -10.26 8.65
N LYS A 326 18.98 -10.19 9.15
CA LYS A 326 19.42 -11.04 10.27
C LYS A 326 19.17 -12.52 9.97
N GLY A 327 19.25 -12.90 8.69
CA GLY A 327 19.13 -14.28 8.27
C GLY A 327 17.71 -14.76 8.00
N THR A 328 16.71 -13.90 8.07
CA THR A 328 15.31 -14.27 7.90
C THR A 328 14.75 -13.57 6.66
N SER A 329 14.06 -14.33 5.81
CA SER A 329 13.47 -13.77 4.59
C SER A 329 12.13 -13.10 4.89
N LEU A 330 11.64 -12.31 3.92
CA LEU A 330 10.33 -11.68 4.09
C LEU A 330 9.19 -12.70 4.14
N PRO A 331 9.09 -13.70 3.24
CA PRO A 331 8.01 -14.69 3.41
C PRO A 331 8.05 -15.39 4.75
N ARG A 332 9.24 -15.64 5.30
CA ARG A 332 9.32 -16.26 6.62
C ARG A 332 8.80 -15.31 7.70
N ALA A 333 9.20 -14.04 7.63
CA ALA A 333 8.75 -13.05 8.60
C ALA A 333 7.23 -12.96 8.62
N LEU A 334 6.63 -12.96 7.43
CA LEU A 334 5.16 -12.91 7.33
C LEU A 334 4.52 -14.15 7.93
N HIS A 335 5.09 -15.34 7.67
CA HIS A 335 4.58 -16.56 8.29
C HIS A 335 4.67 -16.50 9.82
N CYS A 336 5.79 -15.97 10.34
CA CYS A 336 5.93 -15.79 11.79
C CYS A 336 4.91 -14.80 12.34
N TRP A 337 4.62 -13.73 11.60
CA TRP A 337 3.53 -12.82 11.95
C TRP A 337 2.21 -13.58 12.05
N ASP A 338 1.92 -14.45 11.08
CA ASP A 338 0.69 -15.26 11.15
C ASP A 338 0.62 -16.08 12.44
N ARG A 339 1.74 -16.69 12.84
CA ARG A 339 1.75 -17.50 14.07
C ARG A 339 1.55 -16.63 15.30
N SER A 340 2.14 -15.43 15.32
CA SER A 340 1.98 -14.53 16.45
C SER A 340 0.54 -14.07 16.65
N LEU A 341 -0.31 -14.12 15.61
CA LEU A 341 -1.69 -13.67 15.73
C LEU A 341 -2.66 -14.83 16.00
N HIS A 342 -2.14 -16.04 16.22
CA HIS A 342 -2.96 -17.11 16.81
C HIS A 342 -3.44 -16.70 18.20
N PRO A 351 6.79 -14.05 22.29
CA PRO A 351 7.74 -14.18 21.17
C PRO A 351 8.04 -15.64 20.87
N LEU A 352 8.28 -15.93 19.59
CA LEU A 352 8.45 -17.30 19.11
C LEU A 352 9.93 -17.61 18.89
N LYS A 353 10.33 -18.81 19.29
CA LYS A 353 11.73 -19.22 19.19
C LYS A 353 12.13 -19.35 17.72
N GLY A 354 13.10 -18.55 17.28
CA GLY A 354 13.59 -18.67 15.93
C GLY A 354 12.64 -18.24 14.83
N CYS A 355 11.58 -17.50 15.12
CA CYS A 355 10.64 -17.13 14.08
C CYS A 355 10.25 -15.68 14.38
N PRO A 356 11.14 -14.74 14.06
CA PRO A 356 10.95 -13.34 14.45
C PRO A 356 10.02 -12.57 13.52
N VAL A 357 9.45 -11.48 14.05
CA VAL A 357 8.52 -10.65 13.32
C VAL A 357 8.99 -9.20 13.19
N HIS A 358 9.96 -8.74 14.02
CA HIS A 358 10.53 -7.39 13.95
C HIS A 358 11.97 -7.49 13.46
N LEU A 359 12.22 -7.02 12.23
CA LEU A 359 13.49 -7.23 11.54
C LEU A 359 13.92 -5.92 10.87
N VAL A 360 14.80 -5.16 11.53
CA VAL A 360 15.23 -3.86 11.03
C VAL A 360 16.76 -3.84 11.01
N ASP A 361 17.34 -3.54 9.84
CA ASP A 361 18.80 -3.49 9.74
C ASP A 361 19.37 -2.35 10.58
N SER A 362 20.59 -2.58 11.10
CA SER A 362 21.31 -1.54 11.83
C SER A 362 22.48 -0.95 11.07
N CYS A 363 22.94 -1.58 9.98
CA CYS A 363 24.08 -0.97 9.30
C CYS A 363 23.67 0.28 8.50
N PRO A 364 24.56 1.26 8.35
CA PRO A 364 24.13 2.63 8.04
C PRO A 364 24.25 3.10 6.58
N TRP A 365 24.52 2.23 5.61
CA TRP A 365 24.73 2.66 4.21
C TRP A 365 24.02 1.72 3.24
N PRO A 366 23.42 2.25 2.14
CA PRO A 366 22.81 1.33 1.18
C PRO A 366 23.74 0.23 0.65
N HIS A 367 23.22 -0.97 0.85
CA HIS A 367 23.65 -2.26 0.32
C HIS A 367 24.74 -2.79 1.27
N CYS A 368 24.72 -2.30 2.54
CA CYS A 368 25.52 -2.95 3.58
C CYS A 368 24.95 -4.31 3.95
N ASN A 369 23.71 -4.57 3.54
CA ASN A 369 23.12 -5.90 3.63
C ASN A 369 23.45 -6.65 2.34
N PRO A 370 24.11 -7.82 2.40
CA PRO A 370 24.54 -8.46 1.15
C PRO A 370 23.39 -8.98 0.30
N SER A 371 22.20 -9.18 0.86
CA SER A 371 21.08 -9.75 0.12
C SER A 371 20.26 -8.71 -0.63
N CYS A 372 20.71 -7.45 -0.66
CA CYS A 372 19.96 -6.40 -1.35
C CYS A 372 19.80 -6.74 -2.83
N PRO A 373 18.69 -6.33 -3.44
CA PRO A 373 18.51 -6.56 -4.88
C PRO A 373 19.64 -5.95 -5.69
N THR A 374 20.09 -6.69 -6.69
CA THR A 374 21.11 -6.23 -7.61
C THR A 374 20.52 -5.12 -8.45
S SO4 B . -0.83 4.22 -21.20
O1 SO4 B . -0.99 3.77 -19.81
O2 SO4 B . -1.99 3.81 -21.96
O3 SO4 B . -0.69 5.69 -21.29
O4 SO4 B . 0.33 3.60 -21.80
C1 NAG C . -22.95 2.57 -5.71
C2 NAG C . -24.07 2.32 -4.69
C3 NAG C . -24.52 3.65 -4.09
C4 NAG C . -23.34 4.44 -3.55
C5 NAG C . -22.28 4.60 -4.64
C6 NAG C . -21.03 5.29 -4.15
C7 NAG C . -25.68 0.48 -4.79
C8 NAG C . -26.84 -0.11 -5.53
N2 NAG C . -25.19 1.61 -5.29
O3 NAG C . -25.44 3.38 -3.03
O4 NAG C . -23.78 5.73 -3.12
O5 NAG C . -21.88 3.30 -5.10
O6 NAG C . -20.43 4.61 -3.07
O7 NAG C . -25.20 -0.06 -3.80
CA BP4 D . 5.80 6.10 -5.11
C BP4 D . 4.97 5.26 -6.09
O BP4 D . 3.72 5.24 -5.99
C2 BP4 D . 3.59 8.33 -2.12
C3 BP4 D . 4.06 8.96 -3.26
C4 BP4 D . 4.76 8.24 -4.21
C5 BP4 D . 5.01 6.88 -4.05
C6 BP4 D . 4.56 6.26 -2.89
C1 BP4 D . 3.85 6.98 -1.94
C11 BP4 D . 1.80 10.49 0.97
C18 BP4 D . 2.03 10.05 -1.40
C20 BP4 D . 2.94 9.06 -1.12
C23 BP4 D . 1.47 10.74 -0.35
C25 BP4 D . 3.29 8.81 0.19
C26 BP4 D . 2.73 9.52 1.25
O2 BP4 D . 5.56 4.57 -6.99
S SO4 E . 17.92 -3.95 16.33
O1 SO4 E . 19.13 -4.50 15.71
O2 SO4 E . 17.31 -4.97 17.18
O3 SO4 E . 18.28 -2.78 17.14
O4 SO4 E . 16.95 -3.56 15.31
S SO4 F . -10.93 20.75 -12.64
O1 SO4 F . -10.23 19.48 -12.77
O2 SO4 F . -12.35 20.55 -12.36
O3 SO4 F . -10.29 21.52 -11.57
O4 SO4 F . -10.81 21.52 -13.90
S SO4 G . -0.29 -21.36 2.38
O1 SO4 G . -0.56 -22.81 2.45
O2 SO4 G . -0.45 -20.84 3.75
O3 SO4 G . 1.08 -21.12 1.93
O4 SO4 G . -1.26 -20.72 1.48
S SO4 H . 25.96 16.21 -5.23
O1 SO4 H . 26.84 15.04 -5.25
O2 SO4 H . 24.57 15.77 -5.43
O3 SO4 H . 26.33 17.11 -6.32
O4 SO4 H . 26.04 16.90 -3.95
#